data_6I1R
#
_entry.id   6I1R
#
_cell.length_a   89.379
_cell.length_b   181.009
_cell.length_c   53.081
_cell.angle_alpha   90.000
_cell.angle_beta   90.000
_cell.angle_gamma   90.000
#
_symmetry.space_group_name_H-M   'C 1 2 1'
#
loop_
_entity.id
_entity.type
_entity.pdbx_description
1 polymer 'CMP-sialic acid transporter 1'
2 non-polymer "CYTIDINE-5'-MONOPHOSPHATE"
3 water water
#
_entity_poly.entity_id   1
_entity_poly.type   'polypeptide(L)'
_entity_poly.pdbx_seq_one_letter_code
;MQWYLVAALLTILTSSQGILTTLSQSNGKYNYDYATIPFLAELFKLSVSGFFLWKECRTSPSVRMTKEWRSVRLYVVPSV
IYLIHNNVQFATLTYVDPSTYQIMGNLKIVTTGILFRLVLKRKLSNIQWMAIVLLAVGTTTSQVKGCGDSPCDSLFSAPL
EGYLLGILSACLSALAGVYTEYLMKKNNDSLYWQNVQLYTFGVIFNMGWLIYGDFKAGFELGPWWQRLFNGYSITTWMVV
FNLGSTGLLVSWLMKYSDNIVKVYSTSMAMLLTMVLSIYLFSVKATIQLFLGIIICIISLQMYFMPVHMLIELPQTLPVT
SK
;
_entity_poly.pdbx_strand_id   A,B
#
loop_
_chem_comp.id
_chem_comp.type
_chem_comp.name
_chem_comp.formula
C5P non-polymer CYTIDINE-5'-MONOPHOSPHATE 'C9 H14 N3 O8 P'
#
# COMPACT_ATOMS: atom_id res chain seq x y z
N MET A 1 8.29 -10.81 -34.96
CA MET A 1 9.59 -11.02 -35.68
C MET A 1 10.13 -9.69 -36.23
N GLN A 2 9.23 -8.74 -36.53
CA GLN A 2 9.63 -7.37 -36.89
C GLN A 2 9.66 -6.52 -35.61
N TRP A 3 10.74 -5.78 -35.43
CA TRP A 3 10.99 -5.00 -34.20
C TRP A 3 9.79 -4.12 -33.85
N TYR A 4 9.09 -3.59 -34.86
CA TYR A 4 8.04 -2.60 -34.65
C TYR A 4 6.76 -3.30 -34.14
N LEU A 5 6.58 -4.57 -34.47
CA LEU A 5 5.45 -5.35 -33.96
C LEU A 5 5.71 -5.71 -32.49
N VAL A 6 6.94 -6.08 -32.18
CA VAL A 6 7.32 -6.43 -30.80
C VAL A 6 7.16 -5.18 -29.92
N ALA A 7 7.69 -4.06 -30.42
CA ALA A 7 7.64 -2.77 -29.71
C ALA A 7 6.19 -2.36 -29.47
N ALA A 8 5.33 -2.56 -30.46
CA ALA A 8 3.91 -2.23 -30.35
C ALA A 8 3.25 -3.17 -29.33
N LEU A 9 3.61 -4.45 -29.37
CA LEU A 9 3.06 -5.45 -28.45
C LEU A 9 3.52 -5.13 -27.01
N LEU A 10 4.78 -4.71 -26.86
CA LEU A 10 5.30 -4.33 -25.55
C LEU A 10 4.49 -3.14 -25.01
N THR A 11 4.15 -2.19 -25.88
CA THR A 11 3.32 -1.05 -25.49
C THR A 11 1.96 -1.55 -25.00
N ILE A 12 1.33 -2.41 -25.79
CA ILE A 12 0.02 -2.96 -25.42
C ILE A 12 0.12 -3.66 -24.06
N LEU A 13 1.14 -4.48 -23.86
CA LEU A 13 1.24 -5.30 -22.65
C LEU A 13 1.80 -4.49 -21.47
N THR A 14 2.65 -3.49 -21.72
CA THR A 14 3.17 -2.67 -20.61
C THR A 14 2.03 -1.87 -19.96
N SER A 15 1.01 -1.53 -20.74
CA SER A 15 -0.16 -0.81 -20.23
C SER A 15 -1.16 -1.79 -19.60
N SER A 16 -1.14 -3.05 -20.05
CA SER A 16 -2.01 -4.09 -19.48
C SER A 16 -1.62 -4.35 -18.01
N GLN A 17 -0.33 -4.62 -17.79
CA GLN A 17 0.18 -4.86 -16.43
C GLN A 17 -0.03 -3.59 -15.58
N GLY A 18 -0.03 -2.43 -16.22
CA GLY A 18 -0.32 -1.17 -15.53
C GLY A 18 -1.71 -1.15 -14.90
N ILE A 19 -2.72 -1.50 -15.69
CA ILE A 19 -4.12 -1.47 -15.24
C ILE A 19 -4.37 -2.65 -14.29
N LEU A 20 -3.91 -3.83 -14.70
CA LEU A 20 -4.11 -5.06 -13.92
C LEU A 20 -3.46 -4.92 -12.54
N THR A 21 -2.36 -4.16 -12.43
CA THR A 21 -1.70 -3.94 -11.15
C THR A 21 -2.64 -3.15 -10.22
N THR A 22 -3.21 -2.04 -10.71
CA THR A 22 -4.07 -1.20 -9.88
C THR A 22 -5.34 -1.96 -9.51
N LEU A 23 -5.91 -2.68 -10.48
CA LEU A 23 -7.10 -3.50 -10.23
C LEU A 23 -6.79 -4.54 -9.14
N SER A 24 -5.67 -5.25 -9.26
CA SER A 24 -5.27 -6.23 -8.25
C SER A 24 -4.83 -5.54 -6.95
N GLN A 25 -4.35 -4.30 -7.06
CA GLN A 25 -3.99 -3.47 -5.88
C GLN A 25 -5.26 -2.95 -5.22
N SER A 26 -6.21 -3.83 -5.01
CA SER A 26 -7.55 -3.53 -4.58
C SER A 26 -7.57 -3.38 -3.05
N ASN A 31 -4.08 -6.99 -1.85
CA ASN A 31 -4.33 -7.97 -0.79
C ASN A 31 -3.07 -8.80 -0.54
N TYR A 32 -1.99 -8.51 -1.27
CA TYR A 32 -0.81 -9.38 -1.32
C TYR A 32 0.47 -8.56 -1.13
N ASP A 33 1.61 -9.17 -1.43
CA ASP A 33 2.91 -8.51 -1.36
C ASP A 33 3.42 -8.24 -2.79
N TYR A 34 3.69 -6.97 -3.10
CA TYR A 34 4.34 -6.61 -4.36
C TYR A 34 5.87 -6.73 -4.20
N ALA A 35 6.30 -7.30 -3.08
CA ALA A 35 7.70 -7.63 -2.86
C ALA A 35 8.03 -8.96 -3.56
N THR A 36 7.05 -9.86 -3.62
CA THR A 36 7.26 -11.25 -4.06
C THR A 36 7.00 -11.39 -5.58
N ILE A 37 6.29 -10.44 -6.19
CA ILE A 37 5.89 -10.59 -7.60
C ILE A 37 7.14 -10.61 -8.50
N PRO A 38 8.09 -9.68 -8.30
CA PRO A 38 9.31 -9.66 -9.13
C PRO A 38 10.07 -10.99 -9.10
N PHE A 39 10.02 -11.68 -7.97
CA PHE A 39 10.64 -13.00 -7.82
C PHE A 39 9.92 -14.02 -8.72
N LEU A 40 8.60 -14.09 -8.59
CA LEU A 40 7.79 -15.00 -9.40
C LEU A 40 7.88 -14.61 -10.89
N ALA A 41 7.94 -13.31 -11.16
CA ALA A 41 8.03 -12.82 -12.54
C ALA A 41 9.36 -13.27 -13.17
N GLU A 42 10.44 -13.21 -12.41
CA GLU A 42 11.75 -13.67 -12.88
C GLU A 42 11.74 -15.19 -13.06
N LEU A 43 11.17 -15.90 -12.10
CA LEU A 43 11.09 -17.36 -12.16
C LEU A 43 10.36 -17.78 -13.45
N PHE A 44 9.30 -17.05 -13.79
CA PHE A 44 8.53 -17.28 -15.00
C PHE A 44 9.43 -17.12 -16.24
N LYS A 45 10.23 -16.05 -16.27
CA LYS A 45 11.09 -15.75 -17.41
C LYS A 45 12.23 -16.78 -17.50
N LEU A 46 12.81 -17.11 -16.35
CA LEU A 46 13.92 -18.08 -16.28
C LEU A 46 13.46 -19.45 -16.77
N SER A 47 12.26 -19.86 -16.37
CA SER A 47 11.77 -21.21 -16.67
C SER A 47 11.17 -21.26 -18.08
N VAL A 48 10.67 -20.14 -18.60
CA VAL A 48 10.15 -20.09 -19.98
C VAL A 48 11.32 -20.01 -20.96
N SER A 49 12.40 -19.34 -20.57
CA SER A 49 13.59 -19.26 -21.41
C SER A 49 14.27 -20.63 -21.49
N GLY A 50 14.47 -21.24 -20.32
CA GLY A 50 15.01 -22.59 -20.23
C GLY A 50 14.23 -23.57 -21.08
N PHE A 51 12.90 -23.48 -21.05
CA PHE A 51 12.06 -24.34 -21.87
C PHE A 51 12.42 -24.17 -23.34
N PHE A 52 12.44 -22.92 -23.82
CA PHE A 52 12.71 -22.66 -25.24
C PHE A 52 14.16 -23.02 -25.57
N LEU A 53 15.08 -22.88 -24.62
CA LEU A 53 16.47 -23.29 -24.87
C LEU A 53 16.51 -24.80 -25.09
N TRP A 54 15.89 -25.55 -24.19
CA TRP A 54 15.78 -27.02 -24.29
C TRP A 54 15.19 -27.40 -25.65
N LYS A 55 14.05 -26.80 -25.99
CA LYS A 55 13.34 -27.07 -27.23
C LYS A 55 14.22 -26.73 -28.44
N GLU A 56 15.00 -25.65 -28.32
CA GLU A 56 15.87 -25.19 -29.41
C GLU A 56 17.02 -26.20 -29.61
N CYS A 57 17.54 -26.78 -28.53
CA CYS A 57 18.63 -27.75 -28.63
C CYS A 57 18.12 -29.05 -29.27
N ARG A 58 16.89 -29.42 -28.97
CA ARG A 58 16.32 -30.66 -29.47
C ARG A 58 15.81 -30.46 -30.91
N THR A 59 15.55 -29.22 -31.31
CA THR A 59 15.00 -28.94 -32.64
C THR A 59 16.11 -28.51 -33.62
N SER A 60 17.14 -27.82 -33.13
CA SER A 60 18.10 -27.12 -34.00
C SER A 60 19.42 -27.90 -34.11
N PRO A 61 20.01 -27.94 -35.33
CA PRO A 61 21.32 -28.56 -35.56
C PRO A 61 22.48 -27.88 -34.81
N SER A 62 22.43 -26.56 -34.66
CA SER A 62 23.48 -25.81 -33.99
C SER A 62 22.87 -24.71 -33.10
N VAL A 63 23.32 -24.67 -31.85
CA VAL A 63 22.87 -23.68 -30.87
C VAL A 63 24.10 -23.02 -30.26
N ARG A 64 24.19 -21.69 -30.38
CA ARG A 64 25.34 -20.93 -29.92
C ARG A 64 25.19 -20.65 -28.42
N MET A 65 26.19 -21.05 -27.64
CA MET A 65 26.13 -20.98 -26.18
C MET A 65 27.55 -20.86 -25.62
N THR A 66 27.86 -19.71 -25.03
CA THR A 66 29.17 -19.47 -24.43
C THR A 66 29.11 -19.88 -22.95
N LYS A 67 29.77 -20.99 -22.62
CA LYS A 67 29.68 -21.57 -21.28
C LYS A 67 30.84 -21.08 -20.40
N GLU A 68 31.76 -20.30 -20.97
CA GLU A 68 32.99 -19.92 -20.27
C GLU A 68 32.69 -18.82 -19.24
N TRP A 69 33.21 -19.01 -18.02
CA TRP A 69 32.93 -18.12 -16.88
C TRP A 69 33.35 -16.69 -17.21
N ARG A 70 34.30 -16.52 -18.12
CA ARG A 70 34.73 -15.21 -18.59
C ARG A 70 33.51 -14.35 -18.97
N SER A 71 32.53 -14.95 -19.63
CA SER A 71 31.36 -14.22 -20.16
C SER A 71 30.09 -14.48 -19.34
N VAL A 72 29.99 -15.64 -18.69
CA VAL A 72 28.79 -15.97 -17.91
C VAL A 72 28.68 -15.02 -16.71
N ARG A 73 29.80 -14.73 -16.06
CA ARG A 73 29.80 -13.93 -14.81
C ARG A 73 29.32 -12.49 -15.07
N LEU A 74 29.34 -12.04 -16.33
CA LEU A 74 28.96 -10.66 -16.66
C LEU A 74 27.45 -10.45 -16.50
N TYR A 75 26.67 -11.52 -16.49
CA TYR A 75 25.20 -11.41 -16.37
C TYR A 75 24.79 -11.08 -14.93
N VAL A 76 25.76 -11.02 -14.00
CA VAL A 76 25.49 -10.63 -12.62
C VAL A 76 25.18 -9.13 -12.58
N VAL A 77 25.91 -8.35 -13.39
CA VAL A 77 25.98 -6.89 -13.25
C VAL A 77 24.57 -6.29 -13.22
N PRO A 78 23.72 -6.58 -14.23
CA PRO A 78 22.37 -5.99 -14.23
C PRO A 78 21.66 -6.17 -12.89
N SER A 79 21.78 -7.36 -12.30
CA SER A 79 21.13 -7.67 -11.02
C SER A 79 21.72 -6.82 -9.89
N VAL A 80 23.03 -6.59 -9.92
CA VAL A 80 23.70 -5.74 -8.92
C VAL A 80 23.19 -4.30 -9.08
N ILE A 81 23.07 -3.82 -10.31
CA ILE A 81 22.59 -2.47 -10.57
C ILE A 81 21.15 -2.37 -10.04
N TYR A 82 20.31 -3.32 -10.41
CA TYR A 82 18.88 -3.30 -10.06
C TYR A 82 18.71 -3.36 -8.55
N LEU A 83 19.59 -4.09 -7.86
CA LEU A 83 19.58 -4.16 -6.39
C LEU A 83 19.84 -2.77 -5.80
N ILE A 84 20.91 -2.15 -6.28
CA ILE A 84 21.31 -0.82 -5.83
C ILE A 84 20.19 0.17 -6.17
N HIS A 85 19.64 0.05 -7.38
CA HIS A 85 18.54 0.88 -7.84
C HIS A 85 17.38 0.83 -6.85
N ASN A 86 17.00 -0.37 -6.42
CA ASN A 86 15.82 -0.54 -5.56
C ASN A 86 16.05 0.16 -4.21
N ASN A 87 17.29 0.16 -3.73
CA ASN A 87 17.66 0.85 -2.48
C ASN A 87 17.51 2.36 -2.68
N VAL A 88 17.98 2.84 -3.83
CA VAL A 88 17.91 4.26 -4.17
C VAL A 88 16.44 4.68 -4.29
N GLN A 89 15.65 3.89 -5.02
CA GLN A 89 14.21 4.14 -5.17
C GLN A 89 13.56 4.27 -3.78
N PHE A 90 13.85 3.32 -2.89
CA PHE A 90 13.26 3.36 -1.56
C PHE A 90 13.76 4.59 -0.80
N ALA A 91 15.07 4.86 -0.91
CA ALA A 91 15.67 6.00 -0.23
C ALA A 91 14.98 7.30 -0.69
N THR A 92 14.81 7.45 -2.01
CA THR A 92 14.21 8.65 -2.60
C THR A 92 12.86 8.95 -1.95
N LEU A 93 11.97 7.95 -1.96
CA LEU A 93 10.58 8.10 -1.52
C LEU A 93 10.50 8.59 -0.06
N THR A 94 11.60 8.57 0.69
CA THR A 94 11.60 9.10 2.06
C THR A 94 11.91 10.60 2.06
N TYR A 95 12.10 11.21 0.88
CA TYR A 95 12.22 12.67 0.77
C TYR A 95 11.10 13.24 -0.10
N VAL A 96 10.55 12.47 -1.04
CA VAL A 96 9.58 13.01 -2.01
C VAL A 96 8.31 12.15 -1.98
N ASP A 97 7.17 12.80 -2.26
CA ASP A 97 5.91 12.09 -2.51
C ASP A 97 6.07 11.26 -3.79
N PRO A 98 5.31 10.16 -3.92
CA PRO A 98 5.44 9.28 -5.10
C PRO A 98 5.16 9.97 -6.45
N SER A 99 4.37 11.05 -6.45
CA SER A 99 4.10 11.79 -7.69
C SER A 99 5.37 12.48 -8.17
N THR A 100 6.03 13.22 -7.28
CA THR A 100 7.32 13.86 -7.58
C THR A 100 8.32 12.80 -8.09
N TYR A 101 8.31 11.63 -7.44
CA TYR A 101 9.19 10.52 -7.80
C TYR A 101 8.80 9.96 -9.17
N GLN A 102 7.49 9.81 -9.42
CA GLN A 102 6.98 9.28 -10.67
C GLN A 102 7.38 10.20 -11.84
N ILE A 103 7.41 11.51 -11.62
CA ILE A 103 7.64 12.48 -12.70
C ILE A 103 9.13 12.69 -12.92
N MET A 104 9.95 12.53 -11.88
CA MET A 104 11.41 12.51 -12.03
C MET A 104 11.83 11.27 -12.84
N GLY A 105 10.95 10.26 -12.91
CA GLY A 105 11.20 9.02 -13.64
C GLY A 105 11.42 9.23 -15.14
N ASN A 106 10.94 10.35 -15.69
CA ASN A 106 11.10 10.62 -17.13
C ASN A 106 12.55 11.00 -17.46
N LEU A 107 13.43 11.05 -16.45
CA LEU A 107 14.84 11.38 -16.70
C LEU A 107 15.57 10.15 -17.25
N LYS A 108 15.03 8.95 -17.04
CA LYS A 108 15.65 7.73 -17.57
C LYS A 108 15.70 7.79 -19.10
N ILE A 109 14.78 8.53 -19.71
CA ILE A 109 14.74 8.68 -21.16
C ILE A 109 16.02 9.39 -21.65
N VAL A 110 16.45 10.43 -20.93
CA VAL A 110 17.65 11.19 -21.35
C VAL A 110 18.91 10.44 -20.88
N THR A 111 18.86 9.78 -19.72
CA THR A 111 20.02 9.03 -19.23
C THR A 111 20.26 7.79 -20.10
N THR A 112 19.21 7.12 -20.59
CA THR A 112 19.43 6.04 -21.57
C THR A 112 20.02 6.65 -22.83
N GLY A 113 19.46 7.76 -23.29
CA GLY A 113 19.98 8.51 -24.42
C GLY A 113 21.50 8.69 -24.32
N ILE A 114 21.95 9.24 -23.21
CA ILE A 114 23.37 9.58 -23.02
C ILE A 114 24.21 8.30 -23.00
N LEU A 115 23.81 7.32 -22.19
CA LEU A 115 24.59 6.08 -22.03
C LEU A 115 24.58 5.27 -23.34
N PHE A 116 23.50 5.38 -24.12
CA PHE A 116 23.45 4.80 -25.47
C PHE A 116 24.69 5.26 -26.26
N ARG A 117 24.94 6.57 -26.21
CA ARG A 117 26.10 7.18 -26.87
C ARG A 117 27.39 6.77 -26.16
N LEU A 118 27.42 6.85 -24.83
CA LEU A 118 28.66 6.67 -24.07
C LEU A 118 29.06 5.19 -24.02
N VAL A 119 28.17 4.35 -23.50
CA VAL A 119 28.48 2.94 -23.27
C VAL A 119 28.37 2.17 -24.59
N LEU A 120 27.24 2.29 -25.27
CA LEU A 120 26.98 1.51 -26.49
C LEU A 120 27.63 2.18 -27.71
N LYS A 121 28.10 3.42 -27.57
CA LYS A 121 28.91 4.08 -28.60
C LYS A 121 28.11 4.25 -29.89
N ARG A 122 26.78 4.35 -29.78
CA ARG A 122 25.93 4.38 -30.98
C ARG A 122 25.64 5.84 -31.35
N LYS A 123 25.38 6.05 -32.64
CA LYS A 123 25.33 7.38 -33.27
C LYS A 123 23.89 7.88 -33.29
N LEU A 124 23.71 9.14 -32.90
CA LEU A 124 22.43 9.83 -32.90
C LEU A 124 22.57 11.16 -33.63
N SER A 125 21.66 11.43 -34.57
CA SER A 125 21.59 12.75 -35.21
C SER A 125 21.16 13.80 -34.18
N ASN A 126 21.15 15.07 -34.58
CA ASN A 126 20.67 16.14 -33.73
C ASN A 126 19.14 16.08 -33.66
N ILE A 127 18.50 15.81 -34.79
CA ILE A 127 17.04 15.61 -34.86
C ILE A 127 16.63 14.49 -33.90
N GLN A 128 17.43 13.44 -33.83
CA GLN A 128 17.15 12.29 -32.95
C GLN A 128 17.34 12.71 -31.49
N TRP A 129 18.42 13.42 -31.19
CA TRP A 129 18.67 13.90 -29.83
C TRP A 129 17.52 14.79 -29.37
N MET A 130 17.01 15.63 -30.29
CA MET A 130 15.90 16.51 -29.98
C MET A 130 14.62 15.70 -29.74
N ALA A 131 14.51 14.54 -30.39
CA ALA A 131 13.36 13.65 -30.22
C ALA A 131 13.41 12.97 -28.84
N ILE A 132 14.60 12.50 -28.45
CA ILE A 132 14.78 11.86 -27.13
C ILE A 132 14.32 12.85 -26.05
N VAL A 133 14.82 14.09 -26.14
CA VAL A 133 14.46 15.13 -25.17
C VAL A 133 12.94 15.37 -25.24
N LEU A 134 12.42 15.57 -26.44
CA LEU A 134 10.98 15.83 -26.61
C LEU A 134 10.17 14.72 -25.94
N LEU A 135 10.62 13.47 -26.04
CA LEU A 135 9.89 12.34 -25.43
C LEU A 135 9.82 12.53 -23.92
N ALA A 136 10.97 12.82 -23.30
CA ALA A 136 11.05 13.02 -21.85
C ALA A 136 10.18 14.22 -21.45
N VAL A 137 10.24 15.28 -22.24
CA VAL A 137 9.46 16.50 -21.96
C VAL A 137 7.97 16.19 -22.14
N GLY A 138 7.63 15.41 -23.16
CA GLY A 138 6.22 15.13 -23.49
C GLY A 138 5.54 14.25 -22.46
N THR A 139 6.28 13.31 -21.90
CA THR A 139 5.76 12.39 -20.88
C THR A 139 5.58 13.16 -19.56
N THR A 140 6.59 13.93 -19.19
CA THR A 140 6.54 14.81 -18.03
C THR A 140 5.31 15.71 -18.12
N THR A 141 5.09 16.29 -19.30
CA THR A 141 3.98 17.23 -19.54
C THR A 141 2.64 16.58 -19.16
N SER A 142 2.44 15.33 -19.58
CA SER A 142 1.20 14.60 -19.31
C SER A 142 1.02 14.33 -17.82
N GLN A 143 2.12 14.19 -17.09
CA GLN A 143 2.08 13.85 -15.67
C GLN A 143 1.87 15.09 -14.80
N VAL A 144 2.29 16.26 -15.28
CA VAL A 144 2.32 17.50 -14.46
C VAL A 144 0.98 17.68 -13.74
N LYS A 145 1.06 18.11 -12.48
CA LYS A 145 -0.10 18.24 -11.60
C LYS A 145 -0.97 19.42 -12.05
N GLY A 146 -2.20 19.12 -12.43
CA GLY A 146 -3.13 20.12 -12.96
C GLY A 146 -3.74 20.97 -11.86
N CYS A 147 -4.40 22.05 -12.28
CA CYS A 147 -5.05 22.98 -11.35
C CYS A 147 -6.07 22.23 -10.49
N GLY A 148 -6.12 22.57 -9.21
CA GLY A 148 -7.03 21.93 -8.26
C GLY A 148 -6.78 20.44 -8.15
N ASP A 149 -5.53 20.06 -7.89
CA ASP A 149 -5.18 18.67 -7.60
C ASP A 149 -4.80 18.57 -6.12
N SER A 150 -5.56 17.78 -5.38
CA SER A 150 -5.58 17.77 -3.91
C SER A 150 -4.15 17.65 -3.34
N PRO A 151 -3.35 16.69 -3.85
CA PRO A 151 -1.97 16.64 -3.35
C PRO A 151 -1.11 17.70 -4.06
N CYS A 152 -1.15 18.92 -3.56
CA CYS A 152 -0.40 20.04 -4.14
C CYS A 152 1.09 19.88 -3.85
N ASP A 153 1.83 19.34 -4.82
CA ASP A 153 3.28 19.18 -4.69
C ASP A 153 3.95 20.53 -4.96
N SER A 154 4.33 21.22 -3.89
CA SER A 154 5.03 22.49 -4.00
C SER A 154 6.33 22.30 -4.81
N LEU A 155 6.33 22.79 -6.04
CA LEU A 155 7.37 22.47 -7.00
C LEU A 155 8.71 23.10 -6.56
N PHE A 156 9.78 22.33 -6.73
CA PHE A 156 11.16 22.76 -6.42
C PHE A 156 11.37 22.83 -4.90
N SER A 157 10.34 22.57 -4.10
CA SER A 157 10.39 22.78 -2.66
C SER A 157 10.69 21.48 -1.91
N ALA A 158 11.07 20.43 -2.63
CA ALA A 158 11.46 19.16 -1.99
C ALA A 158 12.92 19.26 -1.54
N PRO A 159 13.35 18.36 -0.64
CA PRO A 159 14.74 18.35 -0.17
C PRO A 159 15.73 18.03 -1.29
N LEU A 160 16.97 18.50 -1.14
CA LEU A 160 18.01 18.29 -2.15
C LEU A 160 18.26 16.80 -2.35
N GLU A 161 18.31 16.05 -1.26
CA GLU A 161 18.54 14.60 -1.30
C GLU A 161 17.55 13.95 -2.28
N GLY A 162 16.28 14.33 -2.18
CA GLY A 162 15.24 13.81 -3.06
C GLY A 162 15.61 14.00 -4.52
N TYR A 163 15.92 15.24 -4.88
CA TYR A 163 16.26 15.59 -6.26
C TYR A 163 17.54 14.85 -6.69
N LEU A 164 18.54 14.82 -5.82
CA LEU A 164 19.82 14.20 -6.17
C LEU A 164 19.64 12.68 -6.37
N LEU A 165 18.84 12.04 -5.52
CA LEU A 165 18.66 10.59 -5.57
C LEU A 165 17.77 10.21 -6.77
N GLY A 166 16.72 10.99 -7.01
CA GLY A 166 15.91 10.82 -8.21
C GLY A 166 16.75 10.80 -9.47
N ILE A 167 17.76 11.68 -9.52
CA ILE A 167 18.67 11.78 -10.67
C ILE A 167 19.55 10.51 -10.72
N LEU A 168 20.15 10.15 -9.59
CA LEU A 168 21.01 8.96 -9.53
C LEU A 168 20.20 7.71 -9.89
N SER A 169 18.95 7.65 -9.43
CA SER A 169 18.05 6.54 -9.75
C SER A 169 17.96 6.35 -11.27
N ALA A 170 17.77 7.44 -12.00
CA ALA A 170 17.56 7.39 -13.45
C ALA A 170 18.83 6.89 -14.16
N CYS A 171 20.01 7.30 -13.66
CA CYS A 171 21.29 6.90 -14.24
C CYS A 171 21.50 5.38 -14.09
N LEU A 172 21.14 4.85 -12.92
CA LEU A 172 21.25 3.41 -12.65
C LEU A 172 20.25 2.64 -13.51
N SER A 173 18.99 3.11 -13.51
CA SER A 173 17.95 2.51 -14.35
C SER A 173 18.46 2.36 -15.79
N ALA A 174 18.95 3.46 -16.34
CA ALA A 174 19.48 3.49 -17.70
C ALA A 174 20.67 2.54 -17.83
N LEU A 175 21.60 2.61 -16.88
CA LEU A 175 22.82 1.79 -16.92
C LEU A 175 22.45 0.31 -17.01
N ALA A 176 21.46 -0.11 -16.22
CA ALA A 176 21.00 -1.50 -16.20
C ALA A 176 20.56 -1.93 -17.61
N GLY A 177 19.64 -1.16 -18.18
CA GLY A 177 19.13 -1.44 -19.52
C GLY A 177 20.23 -1.42 -20.57
N VAL A 178 21.07 -0.39 -20.52
CA VAL A 178 22.13 -0.24 -21.53
C VAL A 178 23.13 -1.39 -21.37
N TYR A 179 23.46 -1.79 -20.15
CA TYR A 179 24.42 -2.87 -19.97
C TYR A 179 23.83 -4.19 -20.48
N THR A 180 22.52 -4.39 -20.28
CA THR A 180 21.85 -5.59 -20.77
C THR A 180 22.03 -5.68 -22.29
N GLU A 181 21.71 -4.60 -23.01
CA GLU A 181 21.87 -4.55 -24.46
C GLU A 181 23.30 -4.95 -24.83
N TYR A 182 24.27 -4.39 -24.12
CA TYR A 182 25.67 -4.74 -24.33
C TYR A 182 25.83 -6.27 -24.28
N LEU A 183 25.32 -6.90 -23.23
CA LEU A 183 25.48 -8.34 -23.02
C LEU A 183 24.85 -9.12 -24.20
N MET A 184 23.63 -8.77 -24.58
CA MET A 184 22.94 -9.51 -25.66
C MET A 184 23.76 -9.39 -26.96
N LYS A 185 24.22 -8.18 -27.26
CA LYS A 185 24.81 -7.86 -28.57
C LYS A 185 26.32 -8.16 -28.58
N LYS A 186 26.93 -8.40 -27.42
CA LYS A 186 28.38 -8.70 -27.39
C LYS A 186 28.63 -10.15 -27.81
N ASN A 187 27.58 -10.97 -27.87
CA ASN A 187 27.68 -12.38 -28.22
C ASN A 187 26.83 -12.68 -29.47
N ASN A 188 27.20 -13.77 -30.13
CA ASN A 188 26.42 -14.32 -31.24
C ASN A 188 25.54 -15.47 -30.69
N ASP A 189 25.22 -15.42 -29.40
CA ASP A 189 24.66 -16.56 -28.68
C ASP A 189 23.14 -16.61 -28.87
N SER A 190 22.52 -17.65 -28.32
CA SER A 190 21.07 -17.84 -28.39
C SER A 190 20.39 -16.90 -27.39
N LEU A 191 19.29 -16.28 -27.83
CA LEU A 191 18.49 -15.40 -26.97
C LEU A 191 18.09 -16.14 -25.69
N TYR A 192 17.73 -17.40 -25.85
CA TYR A 192 17.16 -18.19 -24.76
C TYR A 192 18.26 -18.59 -23.75
N TRP A 193 19.50 -18.74 -24.22
CA TRP A 193 20.63 -19.04 -23.32
C TRP A 193 21.09 -17.75 -22.61
N GLN A 194 20.98 -16.62 -23.29
CA GLN A 194 21.33 -15.33 -22.68
C GLN A 194 20.30 -15.01 -21.59
N ASN A 195 19.03 -15.22 -21.90
CA ASN A 195 17.96 -15.08 -20.91
C ASN A 195 18.23 -15.99 -19.71
N VAL A 196 18.55 -17.25 -19.95
CA VAL A 196 18.69 -18.24 -18.88
C VAL A 196 19.76 -17.78 -17.88
N GLN A 197 20.88 -17.25 -18.37
CA GLN A 197 21.96 -16.76 -17.49
C GLN A 197 21.49 -15.48 -16.78
N LEU A 198 20.94 -14.56 -17.56
CA LEU A 198 20.48 -13.26 -17.05
C LEU A 198 19.48 -13.48 -15.91
N TYR A 199 18.46 -14.29 -16.17
CA TYR A 199 17.32 -14.43 -15.25
C TYR A 199 17.66 -15.40 -14.11
N THR A 200 18.75 -16.18 -14.23
CA THR A 200 19.21 -17.00 -13.11
C THR A 200 19.73 -16.08 -12.00
N PHE A 201 20.63 -15.16 -12.37
CA PHE A 201 21.20 -14.22 -11.40
C PHE A 201 20.09 -13.33 -10.81
N GLY A 202 19.11 -12.97 -11.63
CA GLY A 202 17.96 -12.20 -11.15
C GLY A 202 17.17 -12.95 -10.10
N VAL A 203 16.91 -14.23 -10.35
CA VAL A 203 16.22 -15.08 -9.37
C VAL A 203 17.05 -15.12 -8.08
N ILE A 204 18.35 -15.40 -8.22
CA ILE A 204 19.25 -15.48 -7.07
C ILE A 204 19.16 -14.19 -6.25
N PHE A 205 19.29 -13.05 -6.92
CA PHE A 205 19.37 -11.76 -6.22
C PHE A 205 18.00 -11.38 -5.62
N ASN A 206 16.93 -11.55 -6.38
CA ASN A 206 15.55 -11.36 -5.87
C ASN A 206 15.37 -12.15 -4.57
N MET A 207 15.90 -13.37 -4.56
CA MET A 207 15.75 -14.30 -3.45
C MET A 207 16.61 -13.85 -2.26
N GLY A 208 17.85 -13.45 -2.55
CA GLY A 208 18.76 -12.92 -1.53
C GLY A 208 18.20 -11.66 -0.88
N TRP A 209 17.45 -10.88 -1.64
CA TRP A 209 16.79 -9.67 -1.13
C TRP A 209 15.78 -10.08 -0.04
N LEU A 210 14.91 -11.01 -0.40
CA LEU A 210 13.86 -11.50 0.51
C LEU A 210 14.49 -12.18 1.73
N ILE A 211 15.63 -12.86 1.55
CA ILE A 211 16.36 -13.46 2.67
C ILE A 211 16.94 -12.33 3.53
N TYR A 212 17.43 -11.26 2.91
CA TYR A 212 17.94 -10.11 3.67
C TYR A 212 16.81 -9.52 4.51
N GLY A 213 15.67 -9.28 3.88
CA GLY A 213 14.49 -8.72 4.56
C GLY A 213 14.10 -9.52 5.78
N ASP A 214 14.17 -10.84 5.68
CA ASP A 214 13.88 -11.73 6.81
C ASP A 214 14.99 -11.61 7.86
N PHE A 215 16.24 -11.46 7.42
CA PHE A 215 17.37 -11.25 8.33
C PHE A 215 17.20 -9.94 9.11
N LYS A 216 16.63 -8.92 8.47
CA LYS A 216 16.46 -7.60 9.10
C LYS A 216 15.58 -7.70 10.35
N ALA A 217 14.67 -8.68 10.38
CA ALA A 217 13.80 -8.90 11.55
C ALA A 217 14.22 -10.18 12.30
N GLY A 218 15.49 -10.55 12.20
CA GLY A 218 16.08 -11.64 13.00
C GLY A 218 15.49 -13.01 12.70
N PHE A 219 14.82 -13.16 11.55
CA PHE A 219 14.19 -14.43 11.13
C PHE A 219 13.12 -14.88 12.13
N GLU A 220 12.66 -13.99 13.01
CA GLU A 220 11.73 -14.38 14.08
C GLU A 220 10.29 -14.36 13.55
N LEU A 221 10.04 -13.52 12.54
CA LEU A 221 8.70 -13.35 11.98
C LEU A 221 8.49 -14.38 10.86
N GLY A 222 7.45 -14.19 10.06
CA GLY A 222 7.14 -15.10 8.97
C GLY A 222 8.21 -15.07 7.87
N PRO A 223 8.64 -16.24 7.40
CA PRO A 223 9.65 -16.32 6.34
C PRO A 223 9.04 -16.10 4.95
N TRP A 224 9.85 -15.56 4.04
CA TRP A 224 9.42 -15.13 2.71
C TRP A 224 8.78 -16.29 1.92
N TRP A 225 9.31 -17.50 2.06
CA TRP A 225 8.85 -18.65 1.26
C TRP A 225 7.46 -19.11 1.73
N GLN A 226 7.22 -19.05 3.03
CA GLN A 226 5.90 -19.41 3.60
C GLN A 226 4.85 -18.38 3.18
N ARG A 227 5.24 -17.10 3.24
CA ARG A 227 4.35 -15.97 2.97
C ARG A 227 4.11 -15.82 1.46
N LEU A 228 4.93 -16.48 0.64
CA LEU A 228 5.08 -16.18 -0.79
C LEU A 228 3.73 -16.11 -1.52
N PHE A 229 2.78 -16.97 -1.16
CA PHE A 229 1.53 -17.11 -1.93
C PHE A 229 0.39 -16.31 -1.29
N ASN A 230 0.63 -15.65 -0.16
CA ASN A 230 -0.47 -15.02 0.61
C ASN A 230 -1.16 -13.95 -0.23
N GLY A 231 -2.50 -13.93 -0.16
CA GLY A 231 -3.32 -12.89 -0.78
C GLY A 231 -3.39 -12.99 -2.30
N TYR A 232 -2.74 -14.01 -2.87
CA TYR A 232 -2.57 -14.09 -4.33
C TYR A 232 -3.90 -14.46 -4.99
N SER A 233 -4.52 -13.47 -5.62
CA SER A 233 -5.73 -13.66 -6.40
C SER A 233 -5.37 -14.17 -7.80
N ILE A 234 -6.37 -14.39 -8.63
CA ILE A 234 -6.17 -14.64 -10.06
C ILE A 234 -5.52 -13.39 -10.67
N THR A 235 -6.09 -12.22 -10.37
CA THR A 235 -5.56 -10.94 -10.85
C THR A 235 -4.06 -10.86 -10.57
N THR A 236 -3.66 -11.24 -9.35
CA THR A 236 -2.26 -11.20 -8.96
C THR A 236 -1.43 -12.06 -9.93
N TRP A 237 -1.95 -13.25 -10.25
CA TRP A 237 -1.25 -14.17 -11.15
C TRP A 237 -1.23 -13.61 -12.59
N MET A 238 -2.25 -12.86 -12.97
CA MET A 238 -2.27 -12.24 -14.31
C MET A 238 -1.08 -11.29 -14.46
N VAL A 239 -0.79 -10.47 -13.45
CA VAL A 239 0.28 -9.46 -13.57
C VAL A 239 1.64 -10.17 -13.49
N VAL A 240 1.73 -11.29 -12.76
CA VAL A 240 2.98 -12.04 -12.68
C VAL A 240 3.35 -12.53 -14.09
N PHE A 241 2.36 -13.10 -14.78
CA PHE A 241 2.55 -13.56 -16.16
C PHE A 241 2.81 -12.34 -17.05
N ASN A 242 2.01 -11.29 -16.89
CA ASN A 242 2.11 -10.12 -17.73
C ASN A 242 3.47 -9.45 -17.57
N LEU A 243 4.00 -9.43 -16.34
CA LEU A 243 5.30 -8.82 -16.05
C LEU A 243 6.43 -9.72 -16.60
N GLY A 244 6.20 -11.02 -16.58
CA GLY A 244 7.09 -11.97 -17.22
C GLY A 244 7.12 -11.77 -18.72
N SER A 245 5.94 -11.68 -19.32
CA SER A 245 5.79 -11.50 -20.77
C SER A 245 6.60 -10.28 -21.24
N THR A 246 6.28 -9.11 -20.70
CA THR A 246 6.89 -7.87 -21.16
C THR A 246 8.41 -7.96 -21.00
N GLY A 247 8.87 -8.59 -19.92
CA GLY A 247 10.29 -8.76 -19.65
C GLY A 247 11.00 -9.60 -20.69
N LEU A 248 10.31 -10.57 -21.29
CA LEU A 248 10.90 -11.38 -22.36
C LEU A 248 11.01 -10.53 -23.63
N LEU A 249 10.02 -9.67 -23.86
CA LEU A 249 10.03 -8.78 -25.01
C LEU A 249 11.17 -7.76 -24.87
N VAL A 250 11.39 -7.27 -23.67
CA VAL A 250 12.49 -6.33 -23.42
C VAL A 250 13.82 -7.01 -23.81
N SER A 251 13.97 -8.27 -23.46
CA SER A 251 15.20 -9.01 -23.80
C SER A 251 15.30 -9.15 -25.33
N TRP A 252 14.21 -9.53 -25.98
CA TRP A 252 14.19 -9.60 -27.44
C TRP A 252 14.74 -8.30 -28.02
N LEU A 253 14.25 -7.17 -27.52
CA LEU A 253 14.63 -5.84 -28.02
C LEU A 253 16.07 -5.50 -27.63
N MET A 254 16.53 -6.00 -26.48
CA MET A 254 17.94 -5.83 -26.10
C MET A 254 18.83 -6.54 -27.13
N LYS A 255 18.34 -7.63 -27.72
CA LYS A 255 19.13 -8.40 -28.68
C LYS A 255 18.95 -7.82 -30.09
N TYR A 256 17.73 -7.82 -30.60
CA TYR A 256 17.47 -7.54 -32.02
C TYR A 256 17.02 -6.08 -32.24
N SER A 257 17.13 -5.23 -31.22
CA SER A 257 16.74 -3.82 -31.38
C SER A 257 17.65 -2.94 -30.50
N ASP A 258 17.07 -1.98 -29.77
CA ASP A 258 17.88 -1.13 -28.90
C ASP A 258 17.00 -0.55 -27.79
N ASN A 259 17.68 0.06 -26.81
CA ASN A 259 17.05 0.66 -25.62
C ASN A 259 16.10 1.79 -26.00
N ILE A 260 16.39 2.51 -27.08
CA ILE A 260 15.59 3.68 -27.42
C ILE A 260 14.20 3.23 -27.92
N VAL A 261 14.15 2.12 -28.65
CA VAL A 261 12.86 1.52 -29.02
C VAL A 261 12.12 1.07 -27.75
N LYS A 262 12.87 0.51 -26.79
CA LYS A 262 12.27 0.15 -25.50
C LYS A 262 11.58 1.37 -24.90
N VAL A 263 12.34 2.44 -24.65
CA VAL A 263 11.83 3.59 -23.89
C VAL A 263 10.73 4.31 -24.68
N TYR A 264 10.69 4.17 -26.00
CA TYR A 264 9.55 4.70 -26.77
C TYR A 264 8.31 3.84 -26.49
N SER A 265 8.48 2.52 -26.38
CA SER A 265 7.37 1.61 -26.08
C SER A 265 6.82 1.90 -24.68
N THR A 266 7.72 2.00 -23.71
CA THR A 266 7.38 2.24 -22.30
C THR A 266 6.64 3.59 -22.16
N SER A 267 7.15 4.60 -22.85
CA SER A 267 6.60 5.95 -22.79
C SER A 267 5.18 5.95 -23.37
N MET A 268 5.00 5.33 -24.53
CA MET A 268 3.70 5.30 -25.21
C MET A 268 2.71 4.44 -24.42
N ALA A 269 3.21 3.48 -23.64
CA ALA A 269 2.36 2.68 -22.76
C ALA A 269 1.75 3.57 -21.68
N MET A 270 2.58 4.44 -21.11
CA MET A 270 2.18 5.33 -20.03
C MET A 270 1.09 6.30 -20.52
N LEU A 271 1.16 6.70 -21.79
CA LEU A 271 0.14 7.57 -22.38
C LEU A 271 -1.15 6.76 -22.59
N LEU A 272 -1.03 5.54 -23.10
CA LEU A 272 -2.18 4.69 -23.38
C LEU A 272 -2.94 4.41 -22.08
N THR A 273 -2.19 4.14 -21.00
CA THR A 273 -2.77 3.86 -19.68
C THR A 273 -3.70 5.01 -19.25
N MET A 274 -3.21 6.25 -19.41
CA MET A 274 -3.97 7.43 -19.04
C MET A 274 -5.22 7.57 -19.93
N VAL A 275 -5.08 7.26 -21.22
CA VAL A 275 -6.21 7.34 -22.15
C VAL A 275 -7.25 6.27 -21.77
N LEU A 276 -6.79 5.07 -21.42
CA LEU A 276 -7.70 3.97 -21.07
C LEU A 276 -8.34 4.25 -19.70
N SER A 277 -7.60 4.89 -18.80
CA SER A 277 -8.10 5.21 -17.45
C SER A 277 -9.31 6.16 -17.52
N ILE A 278 -9.49 6.85 -18.63
CA ILE A 278 -10.62 7.78 -18.79
C ILE A 278 -11.92 6.98 -18.97
N TYR A 279 -11.87 5.88 -19.71
CA TYR A 279 -13.07 5.09 -20.01
C TYR A 279 -13.38 4.10 -18.88
N LEU A 280 -12.36 3.67 -18.14
CA LEU A 280 -12.52 2.56 -17.18
C LEU A 280 -12.58 3.10 -15.75
N PHE A 281 -11.49 3.71 -15.29
CA PHE A 281 -11.43 4.26 -13.94
C PHE A 281 -12.08 5.65 -13.92
N SER A 282 -12.43 6.17 -15.09
CA SER A 282 -13.18 7.42 -15.24
C SER A 282 -12.36 8.60 -14.70
N VAL A 283 -11.08 8.65 -15.03
CA VAL A 283 -10.22 9.76 -14.61
C VAL A 283 -10.50 10.95 -15.54
N LYS A 284 -10.42 12.16 -14.98
CA LYS A 284 -10.78 13.38 -15.71
C LYS A 284 -9.68 13.71 -16.73
N ALA A 285 -10.05 13.69 -18.01
CA ALA A 285 -9.11 14.04 -19.08
C ALA A 285 -8.66 15.51 -18.91
N THR A 286 -7.37 15.75 -19.08
CA THR A 286 -6.80 17.08 -18.92
C THR A 286 -6.10 17.50 -20.23
N ILE A 287 -5.83 18.80 -20.32
CA ILE A 287 -5.09 19.36 -21.45
C ILE A 287 -3.65 18.83 -21.44
N GLN A 288 -3.11 18.59 -20.24
CA GLN A 288 -1.73 18.12 -20.09
C GLN A 288 -1.56 16.76 -20.77
N LEU A 289 -2.59 15.92 -20.68
CA LEU A 289 -2.62 14.65 -21.38
C LEU A 289 -2.60 14.90 -22.89
N PHE A 290 -3.53 15.74 -23.35
CA PHE A 290 -3.65 16.09 -24.76
C PHE A 290 -2.29 16.59 -25.29
N LEU A 291 -1.68 17.54 -24.58
CA LEU A 291 -0.43 18.16 -25.02
C LEU A 291 0.69 17.13 -25.07
N GLY A 292 0.86 16.38 -23.98
CA GLY A 292 1.92 15.37 -23.89
C GLY A 292 1.88 14.35 -25.02
N ILE A 293 0.67 13.99 -25.45
CA ILE A 293 0.48 13.01 -26.52
C ILE A 293 1.00 13.60 -27.84
N ILE A 294 0.65 14.85 -28.13
CA ILE A 294 1.04 15.51 -29.38
C ILE A 294 2.57 15.64 -29.44
N ILE A 295 3.16 16.08 -28.33
CA ILE A 295 4.61 16.16 -28.21
C ILE A 295 5.22 14.78 -28.52
N CYS A 296 4.65 13.74 -27.90
CA CYS A 296 5.20 12.39 -27.99
C CYS A 296 5.00 11.83 -29.42
N ILE A 297 3.82 12.01 -30.00
CA ILE A 297 3.58 11.56 -31.38
C ILE A 297 4.59 12.23 -32.33
N ILE A 298 4.85 13.51 -32.11
CA ILE A 298 5.82 14.26 -32.93
C ILE A 298 7.24 13.77 -32.60
N SER A 299 7.51 13.50 -31.33
CA SER A 299 8.81 12.93 -30.92
C SER A 299 9.02 11.55 -31.57
N LEU A 300 7.94 10.81 -31.80
CA LEU A 300 8.03 9.50 -32.46
C LEU A 300 8.45 9.72 -33.92
N GLN A 301 7.71 10.58 -34.62
CA GLN A 301 7.95 10.85 -36.03
C GLN A 301 9.40 11.31 -36.22
N MET A 302 9.82 12.31 -35.46
CA MET A 302 11.18 12.85 -35.56
C MET A 302 12.21 11.72 -35.52
N TYR A 303 12.10 10.82 -34.54
CA TYR A 303 13.14 9.82 -34.30
C TYR A 303 13.09 8.72 -35.36
N PHE A 304 11.88 8.29 -35.76
CA PHE A 304 11.71 7.08 -36.56
C PHE A 304 11.44 7.42 -38.03
N MET A 305 10.94 8.61 -38.32
CA MET A 305 10.62 8.99 -39.69
C MET A 305 11.92 9.02 -40.51
N PRO A 306 11.93 8.36 -41.69
CA PRO A 306 13.07 8.45 -42.60
C PRO A 306 13.34 9.93 -42.94
N VAL A 307 14.61 10.30 -43.04
CA VAL A 307 15.01 11.71 -43.03
C VAL A 307 14.56 12.41 -44.33
N HIS A 308 14.23 11.64 -45.38
CA HIS A 308 13.72 12.25 -46.62
C HIS A 308 12.23 12.57 -46.48
N MET A 309 11.52 11.83 -45.63
CA MET A 309 10.09 12.07 -45.38
C MET A 309 9.92 13.32 -44.51
N LEU A 310 10.87 13.56 -43.61
CA LEU A 310 10.88 14.78 -42.78
C LEU A 310 10.93 16.04 -43.66
N ILE A 311 11.45 15.92 -44.88
CA ILE A 311 11.86 17.08 -45.67
C ILE A 311 10.92 17.29 -46.87
N GLU A 312 9.94 16.40 -47.08
CA GLU A 312 9.06 16.49 -48.24
C GLU A 312 7.77 17.23 -47.87
N LEU A 313 6.91 17.45 -48.87
CA LEU A 313 5.66 18.19 -48.69
C LEU A 313 4.58 17.23 -48.17
N MET B 1 -25.66 14.05 23.57
CA MET B 1 -25.78 14.04 25.06
C MET B 1 -26.42 12.73 25.54
N GLN B 2 -27.20 12.09 24.68
CA GLN B 2 -27.74 10.75 24.94
C GLN B 2 -26.81 9.71 24.32
N TRP B 3 -26.43 8.70 25.11
CA TRP B 3 -25.45 7.69 24.70
C TRP B 3 -25.81 7.07 23.35
N TYR B 4 -27.11 6.95 23.04
CA TYR B 4 -27.55 6.25 21.83
C TYR B 4 -27.37 7.15 20.60
N LEU B 5 -27.41 8.47 20.79
CA LEU B 5 -27.15 9.41 19.69
C LEU B 5 -25.65 9.43 19.38
N VAL B 6 -24.82 9.44 20.42
CA VAL B 6 -23.37 9.44 20.25
C VAL B 6 -22.96 8.14 19.55
N ALA B 7 -23.50 7.01 20.03
CA ALA B 7 -23.20 5.69 19.48
C ALA B 7 -23.62 5.60 18.00
N ALA B 8 -24.78 6.17 17.69
CA ALA B 8 -25.28 6.21 16.30
C ALA B 8 -24.36 7.10 15.45
N LEU B 9 -23.93 8.22 16.00
CA LEU B 9 -23.06 9.16 15.31
C LEU B 9 -21.69 8.52 15.08
N LEU B 10 -21.20 7.78 16.08
CA LEU B 10 -19.93 7.05 15.94
C LEU B 10 -20.06 6.04 14.79
N THR B 11 -21.19 5.37 14.69
CA THR B 11 -21.44 4.42 13.60
C THR B 11 -21.37 5.17 12.26
N ILE B 12 -22.07 6.29 12.16
CA ILE B 12 -22.08 7.07 10.92
C ILE B 12 -20.64 7.48 10.58
N LEU B 13 -19.88 7.97 11.55
CA LEU B 13 -18.56 8.52 11.27
C LEU B 13 -17.51 7.41 11.16
N THR B 14 -17.67 6.28 11.85
CA THR B 14 -16.69 5.18 11.71
C THR B 14 -16.73 4.62 10.30
N SER B 15 -17.90 4.66 9.65
CA SER B 15 -18.04 4.19 8.27
C SER B 15 -17.59 5.27 7.28
N SER B 16 -17.66 6.54 7.69
CA SER B 16 -17.20 7.66 6.85
C SER B 16 -15.68 7.56 6.65
N GLN B 17 -14.94 7.44 7.75
CA GLN B 17 -13.48 7.31 7.68
C GLN B 17 -13.12 6.03 6.93
N GLY B 18 -13.99 5.02 7.00
CA GLY B 18 -13.81 3.78 6.25
C GLY B 18 -13.74 4.01 4.75
N ILE B 19 -14.73 4.74 4.22
CA ILE B 19 -14.83 4.99 2.78
C ILE B 19 -13.77 6.02 2.36
N LEU B 20 -13.67 7.10 3.14
CA LEU B 20 -12.73 8.18 2.85
C LEU B 20 -11.29 7.65 2.83
N THR B 21 -10.98 6.63 3.63
CA THR B 21 -9.63 6.05 3.66
C THR B 21 -9.34 5.37 2.30
N THR B 22 -10.26 4.54 1.81
CA THR B 22 -10.05 3.82 0.54
C THR B 22 -9.95 4.83 -0.61
N LEU B 23 -10.84 5.82 -0.64
CA LEU B 23 -10.82 6.86 -1.68
C LEU B 23 -9.45 7.54 -1.71
N SER B 24 -9.03 8.01 -0.54
CA SER B 24 -7.73 8.69 -0.36
C SER B 24 -6.59 7.70 -0.63
N GLN B 25 -6.85 6.43 -0.29
CA GLN B 25 -5.94 5.35 -0.58
C GLN B 25 -5.95 5.04 -2.09
N SER B 26 -6.20 6.03 -2.95
CA SER B 26 -6.16 5.75 -4.38
C SER B 26 -4.70 5.70 -4.86
N ASN B 27 -4.09 4.51 -4.77
CA ASN B 27 -2.65 4.35 -5.00
C ASN B 27 -1.88 5.25 -4.03
N ASN B 31 -1.38 7.95 -1.81
CA ASN B 31 -0.29 8.80 -2.28
C ASN B 31 0.60 9.23 -1.09
N TYR B 32 0.27 8.80 0.12
CA TYR B 32 0.86 9.35 1.35
C TYR B 32 1.27 8.22 2.29
N ASP B 33 1.56 8.56 3.55
CA ASP B 33 1.93 7.60 4.58
C ASP B 33 0.77 7.46 5.58
N TYR B 34 0.26 6.24 5.73
CA TYR B 34 -0.72 5.93 6.77
C TYR B 34 0.01 5.61 8.08
N ALA B 35 1.31 5.87 8.13
CA ALA B 35 2.09 5.78 9.36
C ALA B 35 1.94 7.09 10.15
N THR B 36 1.78 8.21 9.44
CA THR B 36 1.79 9.54 10.03
C THR B 36 0.39 10.01 10.44
N ILE B 37 -0.66 9.39 9.90
CA ILE B 37 -2.03 9.85 10.15
C ILE B 37 -2.38 9.70 11.64
N PRO B 38 -2.09 8.55 12.26
CA PRO B 38 -2.41 8.36 13.67
C PRO B 38 -1.76 9.43 14.58
N PHE B 39 -0.59 9.91 14.17
CA PHE B 39 0.11 10.99 14.89
C PHE B 39 -0.71 12.29 14.79
N LEU B 40 -1.04 12.67 13.56
CA LEU B 40 -1.84 13.89 13.33
C LEU B 40 -3.24 13.73 13.95
N ALA B 41 -3.80 12.53 13.90
CA ALA B 41 -5.12 12.27 14.46
C ALA B 41 -5.09 12.47 15.98
N GLU B 42 -4.03 12.01 16.63
CA GLU B 42 -3.86 12.18 18.08
C GLU B 42 -3.64 13.67 18.40
N LEU B 43 -2.81 14.34 17.60
CA LEU B 43 -2.52 15.75 17.80
C LEU B 43 -3.83 16.55 17.74
N PHE B 44 -4.70 16.19 16.81
CA PHE B 44 -6.02 16.81 16.65
C PHE B 44 -6.84 16.62 17.94
N LYS B 45 -6.85 15.40 18.49
CA LYS B 45 -7.64 15.09 19.69
C LYS B 45 -7.04 15.79 20.91
N LEU B 46 -5.71 15.78 21.02
CA LEU B 46 -5.01 16.40 22.14
C LEU B 46 -5.29 17.90 22.17
N SER B 47 -5.24 18.54 21.00
CA SER B 47 -5.35 20.00 20.90
C SER B 47 -6.83 20.44 20.96
N VAL B 48 -7.75 19.58 20.54
CA VAL B 48 -9.19 19.90 20.62
C VAL B 48 -9.66 19.68 22.07
N SER B 49 -9.09 18.71 22.76
CA SER B 49 -9.43 18.47 24.16
C SER B 49 -8.90 19.61 25.03
N GLY B 50 -7.63 19.95 24.82
CA GLY B 50 -7.01 21.08 25.50
C GLY B 50 -7.80 22.37 25.31
N PHE B 51 -8.28 22.60 24.09
CA PHE B 51 -9.10 23.77 23.80
C PHE B 51 -10.33 23.77 24.70
N PHE B 52 -11.07 22.67 24.71
CA PHE B 52 -12.31 22.58 25.49
C PHE B 52 -11.98 22.60 26.99
N LEU B 53 -10.84 22.07 27.40
CA LEU B 53 -10.44 22.16 28.82
C LEU B 53 -10.25 23.63 29.20
N TRP B 54 -9.48 24.36 28.40
CA TRP B 54 -9.23 25.79 28.59
C TRP B 54 -10.57 26.54 28.68
N LYS B 55 -11.44 26.31 27.70
CA LYS B 55 -12.75 26.96 27.62
C LYS B 55 -13.61 26.60 28.84
N GLU B 56 -13.48 25.36 29.31
CA GLU B 56 -14.25 24.88 30.47
C GLU B 56 -13.77 25.59 31.74
N CYS B 57 -12.46 25.82 31.86
CA CYS B 57 -11.90 26.48 33.04
C CYS B 57 -12.34 27.95 33.09
N ARG B 58 -12.47 28.56 31.93
CA ARG B 58 -12.77 29.98 31.84
C ARG B 58 -14.29 30.19 31.87
N THR B 59 -15.07 29.13 31.63
CA THR B 59 -16.54 29.22 31.65
C THR B 59 -17.11 28.68 32.97
N SER B 60 -16.46 27.69 33.58
CA SER B 60 -17.07 26.92 34.67
C SER B 60 -16.50 27.35 36.03
N PRO B 61 -17.36 27.44 37.06
CA PRO B 61 -16.92 27.74 38.45
C PRO B 61 -16.00 26.67 39.05
N SER B 62 -16.22 25.40 38.72
CA SER B 62 -15.45 24.29 39.27
C SER B 62 -15.14 23.26 38.18
N VAL B 63 -13.87 22.90 38.05
CA VAL B 63 -13.42 21.90 37.08
C VAL B 63 -12.58 20.85 37.83
N ARG B 64 -13.00 19.60 37.74
CA ARG B 64 -12.35 18.49 38.46
C ARG B 64 -11.14 18.02 37.66
N MET B 65 -9.97 18.02 38.30
CA MET B 65 -8.70 17.72 37.64
C MET B 65 -7.72 17.14 38.67
N THR B 66 -7.36 15.87 38.50
CA THR B 66 -6.42 15.22 39.40
C THR B 66 -5.01 15.36 38.82
N LYS B 67 -4.19 16.20 39.45
CA LYS B 67 -2.87 16.55 38.92
C LYS B 67 -1.79 15.63 39.51
N GLU B 68 -2.17 14.75 40.43
CA GLU B 68 -1.19 13.96 41.20
C GLU B 68 -0.65 12.82 40.33
N TRP B 69 0.67 12.67 40.33
CA TRP B 69 1.36 11.72 39.45
C TRP B 69 0.85 10.29 39.72
N ARG B 70 0.35 10.03 40.92
CA ARG B 70 -0.25 8.75 41.27
C ARG B 70 -1.26 8.31 40.20
N SER B 71 -2.05 9.26 39.69
CA SER B 71 -3.13 8.94 38.74
C SER B 71 -2.79 9.37 37.31
N VAL B 72 -1.94 10.39 37.14
CA VAL B 72 -1.60 10.88 35.79
C VAL B 72 -0.82 9.80 35.04
N ARG B 73 0.11 9.14 35.74
CA ARG B 73 1.01 8.15 35.11
C ARG B 73 0.23 6.96 34.53
N LEU B 74 -0.99 6.73 34.99
CA LEU B 74 -1.77 5.56 34.55
C LEU B 74 -2.25 5.73 33.10
N TYR B 75 -2.25 6.95 32.57
CA TYR B 75 -2.70 7.18 31.19
C TYR B 75 -1.63 6.73 30.18
N VAL B 76 -0.47 6.27 30.66
CA VAL B 76 0.58 5.75 29.78
C VAL B 76 0.12 4.39 29.23
N VAL B 77 -0.55 3.61 30.08
CA VAL B 77 -0.76 2.18 29.85
C VAL B 77 -1.40 1.96 28.48
N PRO B 78 -2.55 2.61 28.18
CA PRO B 78 -3.18 2.39 26.87
C PRO B 78 -2.19 2.53 25.71
N SER B 79 -1.31 3.52 25.77
CA SER B 79 -0.33 3.77 24.72
C SER B 79 0.69 2.61 24.64
N VAL B 80 1.07 2.07 25.80
CA VAL B 80 1.99 0.92 25.85
C VAL B 80 1.31 -0.30 25.22
N ILE B 81 0.03 -0.50 25.53
CA ILE B 81 -0.71 -1.63 24.97
C ILE B 81 -0.80 -1.46 23.45
N TYR B 82 -1.20 -0.26 23.01
CA TYR B 82 -1.40 0.02 21.59
C TYR B 82 -0.08 -0.13 20.82
N LEU B 83 1.04 0.23 21.45
CA LEU B 83 2.36 0.06 20.84
C LEU B 83 2.63 -1.43 20.61
N ILE B 84 2.43 -2.22 21.66
CA ILE B 84 2.64 -3.68 21.61
C ILE B 84 1.69 -4.28 20.57
N HIS B 85 0.43 -3.82 20.60
CA HIS B 85 -0.59 -4.25 19.66
C HIS B 85 -0.12 -4.06 18.22
N ASN B 86 0.44 -2.90 17.90
CA ASN B 86 0.84 -2.58 16.52
C ASN B 86 1.96 -3.53 16.06
N ASN B 87 2.84 -3.92 16.98
CA ASN B 87 3.90 -4.87 16.68
C ASN B 87 3.28 -6.24 16.38
N VAL B 88 2.30 -6.63 17.19
CA VAL B 88 1.62 -7.91 17.04
C VAL B 88 0.87 -7.91 15.70
N GLN B 89 0.13 -6.85 15.42
CA GLN B 89 -0.58 -6.72 14.15
C GLN B 89 0.40 -6.90 12.98
N PHE B 90 1.52 -6.19 13.01
CA PHE B 90 2.49 -6.30 11.93
C PHE B 90 3.04 -7.74 11.87
N ALA B 91 3.36 -8.30 13.03
CA ALA B 91 3.88 -9.66 13.10
C ALA B 91 2.89 -10.63 12.45
N THR B 92 1.61 -10.52 12.82
CA THR B 92 0.56 -11.42 12.33
C THR B 92 0.56 -11.47 10.80
N LEU B 93 0.48 -10.30 10.18
CA LEU B 93 0.33 -10.18 8.71
C LEU B 93 1.49 -10.87 7.97
N THR B 94 2.57 -11.23 8.65
CA THR B 94 3.67 -11.96 8.00
C THR B 94 3.39 -13.47 8.02
N TYR B 95 2.27 -13.90 8.59
CA TYR B 95 1.84 -15.31 8.49
C TYR B 95 0.51 -15.43 7.74
N VAL B 96 -0.33 -14.39 7.76
CA VAL B 96 -1.69 -14.49 7.21
C VAL B 96 -1.91 -13.35 6.20
N ASP B 97 -2.74 -13.64 5.19
CA ASP B 97 -3.24 -12.61 4.29
C ASP B 97 -4.14 -11.65 5.08
N PRO B 98 -4.24 -10.38 4.64
CA PRO B 98 -5.02 -9.38 5.38
C PRO B 98 -6.51 -9.73 5.57
N SER B 99 -7.08 -10.55 4.70
CA SER B 99 -8.47 -10.98 4.83
C SER B 99 -8.62 -11.90 6.06
N THR B 100 -7.76 -12.91 6.16
CA THR B 100 -7.72 -13.79 7.33
C THR B 100 -7.54 -12.95 8.60
N TYR B 101 -6.67 -11.96 8.53
CA TYR B 101 -6.40 -11.04 9.66
C TYR B 101 -7.63 -10.19 9.95
N GLN B 102 -8.28 -9.69 8.91
CA GLN B 102 -9.46 -8.84 9.05
C GLN B 102 -10.59 -9.61 9.74
N ILE B 103 -10.72 -10.91 9.46
CA ILE B 103 -11.85 -11.70 9.94
C ILE B 103 -11.55 -12.23 11.35
N MET B 104 -10.28 -12.47 11.68
CA MET B 104 -9.87 -12.79 13.05
C MET B 104 -10.13 -11.58 13.96
N GLY B 105 -10.26 -10.40 13.37
CA GLY B 105 -10.51 -9.16 14.10
C GLY B 105 -11.82 -9.18 14.88
N ASN B 106 -12.79 -10.01 14.49
CA ASN B 106 -14.08 -10.07 15.18
C ASN B 106 -13.94 -10.75 16.55
N LEU B 107 -12.75 -11.18 16.92
CA LEU B 107 -12.53 -11.81 18.22
C LEU B 107 -12.46 -10.74 19.31
N LYS B 108 -12.16 -9.50 18.94
CA LYS B 108 -12.11 -8.40 19.92
C LYS B 108 -13.47 -8.22 20.59
N ILE B 109 -14.54 -8.59 19.89
CA ILE B 109 -15.89 -8.48 20.43
C ILE B 109 -16.05 -9.40 21.65
N VAL B 110 -15.51 -10.62 21.57
CA VAL B 110 -15.63 -11.58 22.68
C VAL B 110 -14.57 -11.27 23.75
N THR B 111 -13.39 -10.82 23.34
CA THR B 111 -12.33 -10.48 24.29
C THR B 111 -12.71 -9.22 25.09
N THR B 112 -13.36 -8.23 24.45
CA THR B 112 -13.87 -7.10 25.24
C THR B 112 -14.95 -7.62 26.19
N GLY B 113 -15.85 -8.45 25.67
CA GLY B 113 -16.87 -9.11 26.48
C GLY B 113 -16.28 -9.67 27.76
N ILE B 114 -15.26 -10.51 27.63
CA ILE B 114 -14.66 -11.22 28.77
C ILE B 114 -14.00 -10.21 29.73
N LEU B 115 -13.19 -9.32 29.20
CA LEU B 115 -12.43 -8.36 30.04
C LEU B 115 -13.40 -7.36 30.70
N PHE B 116 -14.52 -7.06 30.04
CA PHE B 116 -15.59 -6.27 30.64
C PHE B 116 -15.97 -6.89 32.00
N ARG B 117 -16.16 -8.20 31.98
CA ARG B 117 -16.50 -8.96 33.19
C ARG B 117 -15.28 -9.01 34.13
N LEU B 118 -14.11 -9.34 33.60
CA LEU B 118 -12.93 -9.62 34.43
C LEU B 118 -12.37 -8.32 35.02
N VAL B 119 -12.00 -7.38 34.15
CA VAL B 119 -11.32 -6.15 34.56
C VAL B 119 -12.36 -5.17 35.13
N LEU B 120 -13.42 -4.90 34.38
CA LEU B 120 -14.40 -3.88 34.78
C LEU B 120 -15.43 -4.46 35.75
N LYS B 121 -15.44 -5.80 35.91
CA LYS B 121 -16.25 -6.45 36.95
C LYS B 121 -17.75 -6.20 36.72
N ARG B 122 -18.15 -5.97 35.48
CA ARG B 122 -19.54 -5.59 35.20
C ARG B 122 -20.35 -6.84 34.85
N LYS B 123 -21.66 -6.76 35.13
CA LYS B 123 -22.55 -7.92 35.10
C LYS B 123 -23.23 -8.03 33.72
N LEU B 124 -23.27 -9.24 33.19
CA LEU B 124 -23.91 -9.57 31.92
C LEU B 124 -24.86 -10.75 32.15
N SER B 125 -26.10 -10.62 31.67
CA SER B 125 -27.03 -11.73 31.65
C SER B 125 -26.53 -12.79 30.66
N ASN B 126 -27.21 -13.95 30.62
CA ASN B 126 -26.89 -14.99 29.64
C ASN B 126 -27.36 -14.55 28.25
N ILE B 127 -28.55 -13.94 28.20
CA ILE B 127 -29.09 -13.37 26.95
C ILE B 127 -28.10 -12.36 26.38
N GLN B 128 -27.47 -11.57 27.25
CA GLN B 128 -26.51 -10.55 26.82
C GLN B 128 -25.24 -11.24 26.31
N TRP B 129 -24.75 -12.23 27.05
CA TRP B 129 -23.57 -12.99 26.64
C TRP B 129 -23.80 -13.62 25.26
N MET B 130 -25.01 -14.13 25.04
CA MET B 130 -25.36 -14.75 23.77
C MET B 130 -25.41 -13.69 22.66
N ALA B 131 -25.74 -12.45 23.02
CA ALA B 131 -25.77 -11.34 22.07
C ALA B 131 -24.34 -10.96 21.67
N ILE B 132 -23.44 -10.87 22.65
CA ILE B 132 -22.03 -10.52 22.38
C ILE B 132 -21.48 -11.52 21.36
N VAL B 133 -21.69 -12.81 21.64
CA VAL B 133 -21.22 -13.87 20.74
C VAL B 133 -21.88 -13.69 19.37
N LEU B 134 -23.20 -13.56 19.36
CA LEU B 134 -23.93 -13.41 18.09
C LEU B 134 -23.35 -12.26 17.27
N LEU B 135 -22.97 -11.16 17.93
CA LEU B 135 -22.41 -10.01 17.21
C LEU B 135 -21.12 -10.42 16.51
N ALA B 136 -20.22 -11.08 17.24
CA ALA B 136 -18.95 -11.55 16.69
C ALA B 136 -19.20 -12.54 15.54
N VAL B 137 -20.16 -13.43 15.72
CA VAL B 137 -20.48 -14.44 14.72
C VAL B 137 -21.11 -13.75 13.50
N GLY B 138 -21.96 -12.74 13.74
CA GLY B 138 -22.70 -12.07 12.67
C GLY B 138 -21.80 -11.23 11.77
N THR B 139 -20.78 -10.62 12.37
CA THR B 139 -19.83 -9.78 11.64
C THR B 139 -18.90 -10.67 10.81
N THR B 140 -18.40 -11.73 11.44
CA THR B 140 -17.61 -12.75 10.76
C THR B 140 -18.37 -13.28 9.55
N THR B 141 -19.65 -13.58 9.74
CA THR B 141 -20.51 -14.15 8.69
C THR B 141 -20.50 -13.26 7.45
N SER B 142 -20.62 -11.94 7.64
CA SER B 142 -20.65 -10.99 6.53
C SER B 142 -19.30 -10.94 5.80
N GLN B 143 -18.21 -11.20 6.52
CA GLN B 143 -16.88 -11.10 5.96
C GLN B 143 -16.49 -12.38 5.21
N VAL B 144 -17.06 -13.52 5.58
CA VAL B 144 -16.63 -14.84 5.07
C VAL B 144 -16.52 -14.80 3.54
N LYS B 145 -15.46 -15.43 3.02
CA LYS B 145 -15.13 -15.40 1.60
C LYS B 145 -16.15 -16.23 0.81
N GLY B 146 -16.86 -15.56 -0.09
CA GLY B 146 -17.92 -16.20 -0.87
C GLY B 146 -17.38 -17.04 -2.01
N CYS B 147 -18.26 -17.83 -2.61
CA CYS B 147 -17.91 -18.72 -3.71
C CYS B 147 -17.31 -17.89 -4.86
N GLY B 148 -16.26 -18.41 -5.49
CA GLY B 148 -15.59 -17.73 -6.59
C GLY B 148 -15.03 -16.39 -6.17
N ASP B 149 -14.25 -16.39 -5.10
CA ASP B 149 -13.50 -15.20 -4.67
C ASP B 149 -12.01 -15.46 -4.92
N SER B 150 -11.43 -14.61 -5.77
CA SER B 150 -10.12 -14.87 -6.38
C SER B 150 -9.05 -15.19 -5.33
N PRO B 151 -8.96 -14.41 -4.23
CA PRO B 151 -8.00 -14.80 -3.19
C PRO B 151 -8.60 -15.90 -2.31
N CYS B 152 -8.46 -17.15 -2.76
CA CYS B 152 -9.01 -18.30 -2.03
C CYS B 152 -8.16 -18.58 -0.78
N ASP B 153 -8.64 -18.09 0.36
CA ASP B 153 -7.95 -18.33 1.64
C ASP B 153 -8.30 -19.75 2.13
N SER B 154 -7.37 -20.68 1.91
CA SER B 154 -7.53 -22.06 2.37
C SER B 154 -7.74 -22.06 3.89
N LEU B 155 -8.97 -22.32 4.32
CA LEU B 155 -9.37 -22.12 5.71
C LEU B 155 -8.65 -23.12 6.61
N PHE B 156 -8.22 -22.64 7.77
CA PHE B 156 -7.54 -23.45 8.81
C PHE B 156 -6.13 -23.83 8.36
N SER B 157 -5.72 -23.45 7.15
CA SER B 157 -4.46 -23.91 6.57
C SER B 157 -3.35 -22.87 6.75
N ALA B 158 -3.58 -21.84 7.56
CA ALA B 158 -2.56 -20.85 7.87
C ALA B 158 -1.65 -21.38 8.98
N PRO B 159 -0.44 -20.79 9.14
CA PRO B 159 0.48 -21.20 10.20
C PRO B 159 -0.08 -20.95 11.60
N LEU B 160 0.38 -21.74 12.57
CA LEU B 160 -0.10 -21.65 13.95
C LEU B 160 0.18 -20.25 14.50
N GLU B 161 1.38 -19.73 14.23
CA GLU B 161 1.80 -18.40 14.68
C GLU B 161 0.73 -17.36 14.32
N GLY B 162 0.26 -17.42 13.08
CA GLY B 162 -0.78 -16.52 12.59
C GLY B 162 -2.00 -16.55 13.48
N TYR B 163 -2.53 -17.75 13.71
CA TYR B 163 -3.73 -17.93 14.51
C TYR B 163 -3.47 -17.48 15.96
N LEU B 164 -2.31 -17.85 16.51
CA LEU B 164 -2.00 -17.53 17.90
C LEU B 164 -1.86 -16.02 18.08
N LEU B 165 -1.23 -15.34 17.12
CA LEU B 165 -0.98 -13.90 17.23
C LEU B 165 -2.27 -13.11 16.98
N GLY B 166 -3.07 -13.56 16.02
CA GLY B 166 -4.40 -12.99 15.80
C GLY B 166 -5.21 -12.98 17.08
N ILE B 167 -5.11 -14.05 17.85
CA ILE B 167 -5.84 -14.19 19.12
C ILE B 167 -5.25 -13.20 20.15
N LEU B 168 -3.93 -13.19 20.28
CA LEU B 168 -3.25 -12.29 21.22
C LEU B 168 -3.55 -10.83 20.86
N SER B 169 -3.57 -10.54 19.57
CA SER B 169 -3.91 -9.20 19.06
C SER B 169 -5.25 -8.73 19.64
N ALA B 170 -6.25 -9.60 19.59
CA ALA B 170 -7.62 -9.26 20.01
C ALA B 170 -7.67 -8.99 21.52
N CYS B 171 -6.91 -9.76 22.29
CA CYS B 171 -6.86 -9.61 23.75
C CYS B 171 -6.26 -8.25 24.13
N LEU B 172 -5.20 -7.84 23.42
CA LEU B 172 -4.55 -6.54 23.65
C LEU B 172 -5.50 -5.41 23.24
N SER B 173 -6.07 -5.53 22.03
CA SER B 173 -7.04 -4.56 21.54
C SER B 173 -8.11 -4.30 22.59
N ALA B 174 -8.71 -5.40 23.08
CA ALA B 174 -9.75 -5.33 24.11
C ALA B 174 -9.18 -4.69 25.39
N LEU B 175 -8.02 -5.17 25.83
CA LEU B 175 -7.40 -4.68 27.07
C LEU B 175 -7.23 -3.16 27.02
N ALA B 176 -6.80 -2.65 25.88
CA ALA B 176 -6.59 -1.21 25.70
C ALA B 176 -7.90 -0.44 25.96
N GLY B 177 -8.94 -0.83 25.24
CA GLY B 177 -10.25 -0.21 25.38
C GLY B 177 -10.80 -0.34 26.79
N VAL B 178 -10.72 -1.54 27.36
CA VAL B 178 -11.27 -1.79 28.69
C VAL B 178 -10.47 -0.99 29.73
N TYR B 179 -9.15 -0.90 29.57
CA TYR B 179 -8.37 -0.14 30.54
C TYR B 179 -8.70 1.36 30.44
N THR B 180 -8.95 1.84 29.22
CA THR B 180 -9.32 3.25 29.02
C THR B 180 -10.60 3.55 29.82
N GLU B 181 -11.63 2.71 29.64
CA GLU B 181 -12.89 2.87 30.37
C GLU B 181 -12.61 2.94 31.88
N TYR B 182 -11.75 2.04 32.36
CA TYR B 182 -11.34 2.05 33.76
C TYR B 182 -10.86 3.46 34.13
N LEU B 183 -9.94 4.02 33.34
CA LEU B 183 -9.34 5.32 33.65
C LEU B 183 -10.41 6.41 33.71
N MET B 184 -11.30 6.45 32.71
CA MET B 184 -12.32 7.51 32.67
C MET B 184 -13.22 7.40 33.91
N LYS B 185 -13.63 6.18 34.24
CA LYS B 185 -14.66 5.95 35.26
C LYS B 185 -14.05 5.86 36.67
N LYS B 186 -12.72 5.73 36.78
CA LYS B 186 -12.11 5.65 38.11
C LYS B 186 -12.02 7.04 38.76
N ASN B 187 -12.24 8.09 37.97
CA ASN B 187 -12.16 9.48 38.45
C ASN B 187 -13.50 10.19 38.24
N ASN B 188 -13.69 11.25 39.02
CA ASN B 188 -14.83 12.16 38.87
C ASN B 188 -14.37 13.38 38.05
N ASP B 189 -13.34 13.19 37.22
CA ASP B 189 -12.60 14.29 36.61
C ASP B 189 -13.32 14.76 35.34
N SER B 190 -12.78 15.82 34.73
CA SER B 190 -13.32 16.37 33.49
C SER B 190 -12.91 15.49 32.30
N LEU B 191 -13.87 15.25 31.40
CA LEU B 191 -13.61 14.47 30.19
C LEU B 191 -12.42 15.08 29.43
N TYR B 192 -12.37 16.40 29.37
CA TYR B 192 -11.40 17.11 28.56
C TYR B 192 -10.00 17.04 29.20
N TRP B 193 -9.93 16.93 30.53
CA TRP B 193 -8.65 16.78 31.22
C TRP B 193 -8.16 15.32 31.12
N GLN B 194 -9.10 14.38 31.12
CA GLN B 194 -8.75 12.97 30.96
C GLN B 194 -8.22 12.74 29.54
N ASN B 195 -8.91 13.31 28.56
CA ASN B 195 -8.45 13.29 27.16
C ASN B 195 -7.04 13.88 27.07
N VAL B 196 -6.83 15.04 27.68
CA VAL B 196 -5.56 15.78 27.53
C VAL B 196 -4.40 14.89 27.99
N GLN B 197 -4.57 14.18 29.10
CA GLN B 197 -3.51 13.30 29.62
C GLN B 197 -3.36 12.08 28.71
N LEU B 198 -4.49 11.47 28.38
CA LEU B 198 -4.54 10.27 27.55
C LEU B 198 -3.82 10.54 26.21
N TYR B 199 -4.22 11.61 25.53
CA TYR B 199 -3.77 11.89 24.17
C TYR B 199 -2.37 12.54 24.17
N THR B 200 -1.90 13.02 25.32
CA THR B 200 -0.51 13.50 25.42
C THR B 200 0.43 12.29 25.26
N PHE B 201 0.19 11.25 26.06
CA PHE B 201 1.02 10.06 26.03
C PHE B 201 0.93 9.39 24.65
N GLY B 202 -0.27 9.43 24.04
CA GLY B 202 -0.45 8.91 22.68
C GLY B 202 0.40 9.65 21.67
N VAL B 203 0.41 10.98 21.75
CA VAL B 203 1.26 11.80 20.88
C VAL B 203 2.72 11.40 21.10
N ILE B 204 3.14 11.37 22.37
CA ILE B 204 4.52 11.02 22.72
C ILE B 204 4.90 9.68 22.09
N PHE B 205 4.06 8.66 22.28
CA PHE B 205 4.39 7.30 21.85
C PHE B 205 4.32 7.18 20.33
N ASN B 206 3.29 7.74 19.69
CA ASN B 206 3.21 7.82 18.22
C ASN B 206 4.51 8.41 17.67
N MET B 207 5.02 9.43 18.34
CA MET B 207 6.20 10.19 17.91
C MET B 207 7.46 9.34 18.11
N GLY B 208 7.55 8.70 19.27
CA GLY B 208 8.66 7.78 19.57
C GLY B 208 8.73 6.62 18.61
N TRP B 209 7.56 6.18 18.11
CA TRP B 209 7.49 5.13 17.11
C TRP B 209 8.18 5.58 15.82
N LEU B 210 7.80 6.77 15.34
CA LEU B 210 8.35 7.34 14.12
C LEU B 210 9.85 7.62 14.28
N ILE B 211 10.27 8.00 15.49
CA ILE B 211 11.69 8.20 15.79
C ILE B 211 12.40 6.84 15.77
N TYR B 212 11.73 5.80 16.27
CA TYR B 212 12.32 4.45 16.23
C TYR B 212 12.50 4.02 14.78
N GLY B 213 11.46 4.19 13.97
CA GLY B 213 11.49 3.85 12.54
C GLY B 213 12.66 4.51 11.81
N ASP B 214 12.94 5.77 12.15
CA ASP B 214 14.07 6.50 11.58
C ASP B 214 15.39 5.92 12.12
N PHE B 215 15.40 5.54 13.40
CA PHE B 215 16.57 4.89 14.00
C PHE B 215 16.88 3.57 13.31
N LYS B 216 15.84 2.84 12.89
CA LYS B 216 16.00 1.52 12.25
C LYS B 216 16.81 1.63 10.97
N ALA B 217 16.78 2.79 10.30
CA ALA B 217 17.56 3.02 9.09
C ALA B 217 18.72 4.00 9.37
N GLY B 218 19.18 4.06 10.62
CA GLY B 218 20.39 4.81 11.00
C GLY B 218 20.26 6.32 10.83
N PHE B 219 19.02 6.82 10.73
CA PHE B 219 18.75 8.26 10.54
C PHE B 219 19.37 8.80 9.24
N GLU B 220 19.77 7.92 8.33
CA GLU B 220 20.48 8.35 7.12
C GLU B 220 19.47 8.79 6.04
N LEU B 221 18.27 8.22 6.09
CA LEU B 221 17.24 8.49 5.09
C LEU B 221 16.42 9.72 5.53
N GLY B 222 15.28 9.94 4.90
CA GLY B 222 14.42 11.07 5.23
C GLY B 222 13.81 10.93 6.62
N PRO B 223 13.85 12.02 7.41
CA PRO B 223 13.28 12.02 8.75
C PRO B 223 11.76 12.21 8.75
N TRP B 224 11.10 11.63 9.75
CA TRP B 224 9.63 11.57 9.84
C TRP B 224 8.99 12.95 9.78
N TRP B 225 9.63 13.95 10.40
CA TRP B 225 9.03 15.29 10.51
C TRP B 225 9.06 16.01 9.15
N GLN B 226 10.13 15.80 8.38
CA GLN B 226 10.25 16.38 7.03
C GLN B 226 9.23 15.73 6.09
N ARG B 227 9.10 14.41 6.20
CA ARG B 227 8.25 13.60 5.33
C ARG B 227 6.76 13.77 5.70
N LEU B 228 6.50 14.34 6.88
CA LEU B 228 5.20 14.26 7.55
C LEU B 228 4.03 14.65 6.64
N PHE B 229 4.23 15.65 5.77
CA PHE B 229 3.12 16.22 4.99
C PHE B 229 3.07 15.64 3.58
N ASN B 230 4.01 14.76 3.21
CA ASN B 230 4.15 14.32 1.81
C ASN B 230 2.86 13.62 1.35
N GLY B 231 2.45 13.93 0.13
CA GLY B 231 1.33 13.25 -0.53
C GLY B 231 -0.03 13.63 0.04
N TYR B 232 -0.06 14.51 1.03
CA TYR B 232 -1.28 14.79 1.80
C TYR B 232 -2.27 15.58 0.94
N SER B 233 -3.30 14.90 0.47
CA SER B 233 -4.39 15.54 -0.27
C SER B 233 -5.39 16.15 0.73
N ILE B 234 -6.45 16.76 0.19
CA ILE B 234 -7.59 17.18 1.01
C ILE B 234 -8.22 15.93 1.63
N THR B 235 -8.47 14.91 0.81
CA THR B 235 -9.11 13.69 1.36
C THR B 235 -8.25 13.14 2.50
N THR B 236 -6.92 13.17 2.36
CA THR B 236 -6.05 12.73 3.45
C THR B 236 -6.41 13.49 4.74
N TRP B 237 -6.58 14.81 4.62
CA TRP B 237 -6.90 15.66 5.77
C TRP B 237 -8.32 15.36 6.29
N MET B 238 -9.23 14.96 5.41
CA MET B 238 -10.58 14.61 5.83
C MET B 238 -10.54 13.44 6.81
N VAL B 239 -9.73 12.42 6.52
CA VAL B 239 -9.71 11.21 7.37
C VAL B 239 -8.96 11.53 8.67
N VAL B 240 -7.99 12.44 8.64
CA VAL B 240 -7.27 12.84 9.85
C VAL B 240 -8.28 13.44 10.84
N PHE B 241 -9.12 14.35 10.34
CA PHE B 241 -10.17 14.96 11.15
C PHE B 241 -11.19 13.89 11.55
N ASN B 242 -11.59 13.07 10.58
CA ASN B 242 -12.61 12.05 10.82
C ASN B 242 -12.14 11.04 11.87
N LEU B 243 -10.84 10.70 11.84
CA LEU B 243 -10.27 9.75 12.79
C LEU B 243 -10.13 10.39 14.18
N GLY B 244 -9.86 11.70 14.18
CA GLY B 244 -9.89 12.48 15.41
C GLY B 244 -11.28 12.54 16.01
N SER B 245 -12.27 12.84 15.17
CA SER B 245 -13.66 12.96 15.61
C SER B 245 -14.10 11.68 16.32
N THR B 246 -14.04 10.55 15.62
CA THR B 246 -14.53 9.28 16.15
C THR B 246 -13.82 8.96 17.46
N GLY B 247 -12.53 9.27 17.53
CA GLY B 247 -11.72 9.01 18.72
C GLY B 247 -12.18 9.81 19.94
N LEU B 248 -12.72 11.01 19.72
CA LEU B 248 -13.27 11.82 20.82
C LEU B 248 -14.59 11.19 21.30
N LEU B 249 -15.36 10.65 20.36
CA LEU B 249 -16.63 10.00 20.68
C LEU B 249 -16.35 8.72 21.48
N VAL B 250 -15.30 7.99 21.10
CA VAL B 250 -14.92 6.78 21.82
C VAL B 250 -14.65 7.15 23.29
N SER B 251 -13.94 8.25 23.50
CA SER B 251 -13.60 8.70 24.86
C SER B 251 -14.89 9.05 25.62
N TRP B 252 -15.78 9.80 24.96
CA TRP B 252 -17.08 10.13 25.55
C TRP B 252 -17.73 8.85 26.08
N LEU B 253 -17.75 7.80 25.24
CA LEU B 253 -18.41 6.53 25.56
C LEU B 253 -17.63 5.79 26.65
N MET B 254 -16.30 5.94 26.67
CA MET B 254 -15.48 5.37 27.74
C MET B 254 -15.89 5.99 29.08
N LYS B 255 -16.31 7.25 29.06
CA LYS B 255 -16.69 7.95 30.29
C LYS B 255 -18.17 7.68 30.61
N TYR B 256 -19.07 8.10 29.72
CA TYR B 256 -20.51 8.11 30.01
C TYR B 256 -21.21 6.87 29.44
N SER B 257 -20.46 5.87 28.99
CA SER B 257 -21.08 4.65 28.48
C SER B 257 -20.19 3.44 28.79
N ASP B 258 -20.05 2.51 27.85
CA ASP B 258 -19.22 1.33 28.06
C ASP B 258 -18.68 0.82 26.73
N ASN B 259 -17.70 -0.07 26.82
CA ASN B 259 -17.01 -0.68 25.66
C ASN B 259 -17.98 -1.45 24.77
N ILE B 260 -19.03 -2.03 25.36
CA ILE B 260 -19.92 -2.88 24.58
C ILE B 260 -20.75 -2.01 23.64
N VAL B 261 -21.14 -0.81 24.06
CA VAL B 261 -21.79 0.14 23.17
C VAL B 261 -20.82 0.54 22.05
N LYS B 262 -19.54 0.72 22.40
CA LYS B 262 -18.51 1.02 21.41
C LYS B 262 -18.52 -0.08 20.34
N VAL B 263 -18.30 -1.33 20.75
CA VAL B 263 -18.10 -2.44 19.79
C VAL B 263 -19.39 -2.71 19.01
N TYR B 264 -20.56 -2.34 19.53
CA TYR B 264 -21.78 -2.43 18.72
C TYR B 264 -21.75 -1.34 17.64
N SER B 265 -21.28 -0.14 17.99
CA SER B 265 -21.17 0.96 17.02
C SER B 265 -20.18 0.60 15.90
N THR B 266 -19.01 0.10 16.29
CA THR B 266 -17.94 -0.28 15.37
C THR B 266 -18.42 -1.39 14.43
N SER B 267 -19.11 -2.37 15.00
CA SER B 267 -19.61 -3.52 14.24
C SER B 267 -20.64 -3.06 13.20
N MET B 268 -21.58 -2.23 13.62
CA MET B 268 -22.66 -1.75 12.74
C MET B 268 -22.10 -0.82 11.67
N ALA B 269 -20.96 -0.17 11.97
CA ALA B 269 -20.29 0.67 10.97
C ALA B 269 -19.77 -0.21 9.83
N MET B 270 -19.17 -1.34 10.21
CA MET B 270 -18.57 -2.28 9.26
C MET B 270 -19.66 -2.84 8.32
N LEU B 271 -20.87 -3.04 8.83
CA LEU B 271 -21.99 -3.50 8.01
C LEU B 271 -22.45 -2.38 7.08
N LEU B 272 -22.55 -1.16 7.61
CA LEU B 272 -23.00 0.00 6.83
C LEU B 272 -22.03 0.24 5.66
N THR B 273 -20.72 0.12 5.94
CA THR B 273 -19.69 0.32 4.92
C THR B 273 -19.92 -0.62 3.73
N MET B 274 -20.21 -1.89 4.03
CA MET B 274 -20.46 -2.90 2.98
C MET B 274 -21.74 -2.55 2.21
N VAL B 275 -22.76 -2.07 2.91
CA VAL B 275 -24.03 -1.71 2.27
C VAL B 275 -23.80 -0.49 1.37
N LEU B 276 -23.01 0.47 1.83
CA LEU B 276 -22.74 1.69 1.05
C LEU B 276 -21.82 1.36 -0.13
N SER B 277 -20.89 0.42 0.06
CA SER B 277 -19.95 0.02 -1.00
C SER B 277 -20.69 -0.57 -2.21
N ILE B 278 -21.95 -0.99 -2.03
CA ILE B 278 -22.73 -1.56 -3.14
C ILE B 278 -23.16 -0.44 -4.10
N TYR B 279 -23.53 0.72 -3.56
CA TYR B 279 -24.03 1.82 -4.38
C TYR B 279 -22.87 2.66 -4.96
N LEU B 280 -21.73 2.68 -4.28
CA LEU B 280 -20.65 3.62 -4.63
C LEU B 280 -19.52 2.88 -5.35
N PHE B 281 -18.85 1.95 -4.66
CA PHE B 281 -17.76 1.18 -5.25
C PHE B 281 -18.33 0.02 -6.09
N SER B 282 -19.65 -0.18 -6.00
CA SER B 282 -20.38 -1.17 -6.82
C SER B 282 -19.90 -2.59 -6.52
N VAL B 283 -19.74 -2.91 -5.24
CA VAL B 283 -19.34 -4.26 -4.82
C VAL B 283 -20.58 -5.17 -4.90
N LYS B 284 -20.36 -6.43 -5.27
CA LYS B 284 -21.45 -7.38 -5.48
C LYS B 284 -22.05 -7.80 -4.13
N ALA B 285 -23.33 -7.47 -3.93
CA ALA B 285 -24.04 -7.87 -2.72
C ALA B 285 -24.09 -9.40 -2.62
N THR B 286 -23.84 -9.93 -1.43
CA THR B 286 -23.83 -11.38 -1.20
C THR B 286 -24.85 -11.75 -0.12
N ILE B 287 -25.17 -13.03 -0.04
CA ILE B 287 -26.07 -13.57 0.98
C ILE B 287 -25.39 -13.42 2.35
N GLN B 288 -24.06 -13.53 2.39
CA GLN B 288 -23.29 -13.46 3.64
C GLN B 288 -23.50 -12.09 4.31
N LEU B 289 -23.58 -11.05 3.49
CA LEU B 289 -23.90 -9.71 3.96
C LEU B 289 -25.31 -9.70 4.56
N PHE B 290 -26.27 -10.18 3.76
CA PHE B 290 -27.67 -10.27 4.17
C PHE B 290 -27.78 -10.99 5.52
N LEU B 291 -27.15 -12.16 5.62
CA LEU B 291 -27.27 -13.00 6.82
C LEU B 291 -26.64 -12.30 8.02
N GLY B 292 -25.42 -11.80 7.85
CA GLY B 292 -24.68 -11.13 8.92
C GLY B 292 -25.46 -9.96 9.52
N ILE B 293 -26.19 -9.24 8.68
CA ILE B 293 -26.97 -8.07 9.11
C ILE B 293 -28.11 -8.54 10.02
N ILE B 294 -28.81 -9.60 9.62
CA ILE B 294 -29.96 -10.11 10.38
C ILE B 294 -29.48 -10.61 11.75
N ILE B 295 -28.39 -11.36 11.76
CA ILE B 295 -27.77 -11.84 13.00
C ILE B 295 -27.48 -10.62 13.90
N CYS B 296 -26.88 -9.60 13.30
CA CYS B 296 -26.42 -8.43 14.05
C CYS B 296 -27.61 -7.60 14.56
N ILE B 297 -28.62 -7.38 13.71
CA ILE B 297 -29.83 -6.66 14.13
C ILE B 297 -30.47 -7.39 15.31
N ILE B 298 -30.51 -8.73 15.24
CA ILE B 298 -31.08 -9.54 16.32
C ILE B 298 -30.14 -9.49 17.53
N SER B 299 -28.83 -9.52 17.31
CA SER B 299 -27.88 -9.38 18.40
C SER B 299 -28.05 -8.01 19.10
N LEU B 300 -28.43 -6.99 18.34
CA LEU B 300 -28.67 -5.66 18.91
C LEU B 300 -29.88 -5.72 19.85
N GLN B 301 -30.99 -6.24 19.33
CA GLN B 301 -32.23 -6.33 20.08
C GLN B 301 -31.98 -7.10 21.38
N MET B 302 -31.38 -8.29 21.28
CA MET B 302 -31.13 -9.14 22.45
C MET B 302 -30.44 -8.33 23.55
N TYR B 303 -29.38 -7.60 23.20
CA TYR B 303 -28.55 -6.95 24.21
C TYR B 303 -29.23 -5.70 24.78
N PHE B 304 -29.91 -4.93 23.92
CA PHE B 304 -30.39 -3.59 24.29
C PHE B 304 -31.88 -3.60 24.60
N MET B 305 -32.63 -4.56 24.06
CA MET B 305 -34.07 -4.61 24.28
C MET B 305 -34.34 -4.83 25.77
N PRO B 306 -35.22 -4.02 26.38
CA PRO B 306 -35.64 -4.24 27.77
C PRO B 306 -36.23 -5.66 27.90
N VAL B 307 -35.94 -6.32 29.01
CA VAL B 307 -36.17 -7.77 29.12
C VAL B 307 -37.67 -8.10 29.15
N HIS B 308 -38.53 -7.12 29.41
CA HIS B 308 -39.99 -7.34 29.36
C HIS B 308 -40.48 -7.30 27.91
N MET B 309 -39.79 -6.54 27.04
CA MET B 309 -40.15 -6.47 25.62
C MET B 309 -39.75 -7.78 24.92
N LEU B 310 -38.65 -8.39 25.36
CA LEU B 310 -38.20 -9.68 24.83
C LEU B 310 -39.29 -10.75 25.04
N ILE B 311 -40.19 -10.56 26.01
CA ILE B 311 -41.04 -11.64 26.50
C ILE B 311 -42.51 -11.40 26.11
N GLU B 312 -42.82 -10.28 25.46
CA GLU B 312 -44.21 -9.94 25.13
C GLU B 312 -44.53 -10.36 23.68
N LEU B 313 -45.79 -10.19 23.30
CA LEU B 313 -46.28 -10.60 21.98
C LEU B 313 -45.98 -9.50 20.96
O3P C5P C . 13.91 -8.08 -13.65
P C5P C . 14.09 -7.17 -12.46
O1P C5P C . 14.38 -5.73 -12.82
O2P C5P C . 13.06 -7.36 -11.37
O5' C5P C . 15.47 -7.68 -11.78
C5' C5P C . 15.48 -8.19 -10.45
C4' C5P C . 16.54 -7.47 -9.64
O4' C5P C . 16.00 -6.25 -9.13
C3' C5P C . 17.00 -8.31 -8.46
O3' C5P C . 18.39 -8.64 -8.63
C2' C5P C . 16.73 -7.49 -7.22
O2' C5P C . 17.92 -7.22 -6.47
C1' C5P C . 16.11 -6.18 -7.70
N1 C5P C . 14.79 -6.01 -7.10
C2 C5P C . 14.67 -5.75 -5.73
N3 C5P C . 13.45 -5.59 -5.16
C4 C5P C . 12.33 -5.68 -5.92
C5 C5P C . 12.44 -5.94 -7.29
C6 C5P C . 13.69 -6.10 -7.86
O2 C5P C . 15.69 -5.66 -5.01
N4 C5P C . 11.12 -5.51 -5.35
O3P C5P D . -5.33 6.58 19.27
P C5P D . -4.48 5.35 19.10
O1P C5P D . -5.09 4.08 19.64
O2P C5P D . -3.85 5.20 17.74
O5' C5P D . -3.22 5.62 20.09
C5' C5P D . -1.91 5.75 19.55
C4' C5P D . -1.01 4.67 20.13
O4' C5P D . -1.02 3.52 19.27
C3' C5P D . 0.43 5.15 20.25
O3' C5P D . 0.81 5.17 21.64
C2' C5P D . 1.27 4.18 19.42
O2' C5P D . 2.26 3.50 20.20
C1' C5P D . 0.30 3.18 18.83
N1 C5P D . 0.38 3.22 17.37
C2 C5P D . 1.52 2.73 16.70
N3 C5P D . 1.59 2.76 15.36
C4 C5P D . 0.56 3.26 14.64
C5 C5P D . -0.57 3.74 15.27
C6 C5P D . -0.65 3.71 16.66
O2 C5P D . 2.47 2.26 17.37
N4 C5P D . 0.65 3.30 13.28
#